data_6MKY
#
_entry.id   6MKY
#
_cell.length_a   75.104
_cell.length_b   76.546
_cell.length_c   128.283
_cell.angle_alpha   90.00
_cell.angle_beta   90.00
_cell.angle_gamma   90.00
#
_symmetry.space_group_name_H-M   'P 21 21 21'
#
loop_
_entity.id
_entity.type
_entity.pdbx_description
1 polymer 'Protein phosphatase 1 regulatory subunit 7'
2 non-polymer 'SULFATE ION'
3 water water
#
_entity_poly.entity_id   1
_entity_poly.type   'polypeptide(L)'
_entity_poly.pdbx_seq_one_letter_code
;VKTLCLRQNLIKCIENLEELQSLRELDLYDNQIKKIENLEALTELEILDISFNLLRNIEGVDKLTRLKKLFLVNNKISKI
ENLSNLHQLQMLELGSNRIRAIENIDTLTNLESLFLGKNKITKLQNLDALTNLTVLSMQSNRLTKIEGLQNLVNLRELYL
SHNGIEVIEGLENNNKLTMLDIASNRIKKIENISHLTELQEFWMNDNLLESWSDLDELKGARSLETVYLERNPLQKDPQY
RRKVMLALPSVRQIDATFVRF
;
_entity_poly.pdbx_strand_id   A,B
#
# COMPACT_ATOMS: atom_id res chain seq x y z
N VAL A 1 30.19 15.61 12.30
CA VAL A 1 29.13 15.93 11.36
C VAL A 1 27.80 16.04 12.08
N LYS A 2 26.79 16.59 11.39
CA LYS A 2 25.48 16.76 11.98
C LYS A 2 24.37 16.66 10.94
N THR A 3 24.66 17.06 9.70
CA THR A 3 23.64 17.05 8.64
C THR A 3 24.36 17.06 7.29
N LEU A 4 24.25 15.95 6.57
CA LEU A 4 24.83 15.81 5.24
C LEU A 4 23.72 15.98 4.21
N CYS A 5 23.87 16.96 3.32
CA CYS A 5 22.89 17.28 2.29
CA CYS A 5 22.89 17.28 2.29
C CYS A 5 23.54 17.05 0.93
N LEU A 6 23.51 15.80 0.47
CA LEU A 6 24.00 15.44 -0.85
C LEU A 6 22.90 15.58 -1.90
N ARG A 7 22.22 16.74 -1.89
CA ARG A 7 21.11 16.97 -2.80
C ARG A 7 21.61 17.23 -4.22
N GLN A 8 20.84 16.73 -5.19
CA GLN A 8 21.05 16.97 -6.63
C GLN A 8 22.46 16.55 -7.06
N ASN A 9 22.64 15.23 -7.10
CA ASN A 9 23.86 14.64 -7.63
C ASN A 9 23.54 13.50 -8.59
N LEU A 10 24.55 12.74 -8.99
CA LEU A 10 24.37 11.59 -9.88
C LEU A 10 24.62 10.28 -9.15
N ILE A 11 24.29 10.25 -7.85
CA ILE A 11 24.52 9.07 -7.04
C ILE A 11 23.58 7.95 -7.49
N LYS A 12 24.15 6.79 -7.80
CA LYS A 12 23.39 5.62 -8.19
C LYS A 12 23.45 4.49 -7.18
N CYS A 13 24.32 4.60 -6.18
CA CYS A 13 24.47 3.59 -5.14
C CYS A 13 24.93 4.27 -3.86
N ILE A 14 24.49 3.76 -2.72
CA ILE A 14 24.84 4.31 -1.42
C ILE A 14 26.04 3.55 -0.87
N GLU A 15 27.14 4.25 -0.68
CA GLU A 15 28.40 3.69 -0.17
C GLU A 15 29.17 4.79 0.54
N ASN A 16 30.38 4.46 1.00
CA ASN A 16 31.34 5.32 1.69
C ASN A 16 30.70 6.37 2.59
N LEU A 17 29.69 5.97 3.36
CA LEU A 17 29.06 6.81 4.37
C LEU A 17 29.18 6.16 5.74
N GLU A 18 30.31 5.51 6.00
CA GLU A 18 30.48 4.71 7.22
C GLU A 18 31.24 5.43 8.34
N GLU A 19 32.19 6.31 8.00
CA GLU A 19 33.01 6.91 9.04
C GLU A 19 32.21 7.83 9.94
N LEU A 20 31.12 8.40 9.43
CA LEU A 20 30.34 9.40 10.15
C LEU A 20 29.30 8.71 11.03
N GLN A 21 29.52 8.73 12.34
CA GLN A 21 28.62 8.09 13.30
C GLN A 21 27.63 9.07 13.95
N SER A 22 27.99 10.34 14.07
CA SER A 22 27.16 11.33 14.75
C SER A 22 26.15 12.01 13.83
N LEU A 23 25.97 11.51 12.61
CA LEU A 23 25.04 12.12 11.68
C LEU A 23 23.60 11.98 12.17
N ARG A 24 22.87 13.11 12.20
CA ARG A 24 21.47 13.10 12.60
C ARG A 24 20.50 13.25 11.44
N GLU A 25 20.94 13.77 10.30
CA GLU A 25 20.05 13.95 9.15
C GLU A 25 20.83 13.68 7.87
N LEU A 26 20.29 12.79 7.03
CA LEU A 26 20.87 12.49 5.73
C LEU A 26 19.88 12.87 4.65
N ASP A 27 20.33 13.70 3.70
CA ASP A 27 19.49 14.20 2.62
C ASP A 27 20.08 13.72 1.30
N LEU A 28 19.34 12.85 0.61
CA LEU A 28 19.73 12.34 -0.70
C LEU A 28 18.67 12.68 -1.73
N TYR A 29 18.17 13.92 -1.67
CA TYR A 29 17.09 14.34 -2.54
C TYR A 29 17.56 14.49 -3.97
N ASP A 30 16.73 14.01 -4.90
CA ASP A 30 16.94 14.15 -6.35
C ASP A 30 18.28 13.55 -6.78
N ASN A 31 18.36 12.23 -6.64
CA ASN A 31 19.50 11.47 -7.16
C ASN A 31 18.99 10.32 -8.01
N GLN A 32 19.87 9.38 -8.37
CA GLN A 32 19.50 8.22 -9.17
C GLN A 32 19.66 6.93 -8.39
N ILE A 33 19.47 6.98 -7.08
CA ILE A 33 19.62 5.80 -6.24
C ILE A 33 18.54 4.79 -6.57
N LYS A 34 18.92 3.51 -6.64
CA LYS A 34 18.01 2.44 -6.98
C LYS A 34 17.74 1.47 -5.83
N LYS A 35 18.53 1.54 -4.76
CA LYS A 35 18.40 0.60 -3.65
C LYS A 35 18.92 1.26 -2.38
N ILE A 36 18.20 1.08 -1.29
CA ILE A 36 18.62 1.56 0.01
C ILE A 36 19.50 0.49 0.65
N GLU A 37 20.76 0.83 0.93
CA GLU A 37 21.68 -0.10 1.54
C GLU A 37 22.80 0.70 2.21
N ASN A 38 23.61 -0.01 2.99
CA ASN A 38 24.75 0.56 3.70
C ASN A 38 24.34 1.68 4.66
N LEU A 39 23.08 1.69 5.11
CA LEU A 39 22.60 2.69 6.04
C LEU A 39 22.43 2.18 7.46
N GLU A 40 22.72 0.90 7.72
CA GLU A 40 22.50 0.34 9.04
C GLU A 40 23.41 0.96 10.10
N ALA A 41 24.52 1.58 9.70
CA ALA A 41 25.48 2.10 10.66
C ALA A 41 25.05 3.45 11.24
N LEU A 42 24.08 4.13 10.63
CA LEU A 42 23.66 5.46 11.10
C LEU A 42 22.53 5.26 12.10
N THR A 43 22.89 4.85 13.31
CA THR A 43 21.89 4.43 14.28
C THR A 43 21.18 5.60 14.95
N GLU A 44 21.86 6.74 15.13
CA GLU A 44 21.26 7.91 15.74
C GLU A 44 20.65 8.87 14.71
N LEU A 45 20.44 8.40 13.47
CA LEU A 45 19.85 9.23 12.43
C LEU A 45 18.39 9.52 12.77
N GLU A 46 18.01 10.80 12.71
CA GLU A 46 16.64 11.20 13.01
C GLU A 46 15.81 11.54 11.78
N ILE A 47 16.45 11.95 10.67
CA ILE A 47 15.72 12.35 9.47
C ILE A 47 16.43 11.75 8.26
N LEU A 48 15.68 10.97 7.47
CA LEU A 48 16.20 10.37 6.25
C LEU A 48 15.33 10.80 5.08
N ASP A 49 15.96 11.40 4.07
CA ASP A 49 15.26 11.92 2.90
C ASP A 49 15.88 11.31 1.64
N ILE A 50 15.23 10.28 1.09
CA ILE A 50 15.67 9.70 -0.18
C ILE A 50 14.59 9.96 -1.22
N SER A 51 14.07 11.18 -1.24
CA SER A 51 13.00 11.52 -2.17
C SER A 51 13.55 11.74 -3.58
N PHE A 52 12.66 11.57 -4.56
CA PHE A 52 12.97 11.77 -5.97
C PHE A 52 14.19 10.96 -6.40
N ASN A 53 14.03 9.64 -6.29
CA ASN A 53 15.06 8.68 -6.66
C ASN A 53 14.40 7.59 -7.49
N LEU A 54 15.07 6.45 -7.60
CA LEU A 54 14.58 5.32 -8.40
C LEU A 54 14.30 4.11 -7.52
N LEU A 55 13.95 4.36 -6.25
CA LEU A 55 13.67 3.28 -5.31
C LEU A 55 12.38 2.56 -5.67
N ARG A 56 12.43 1.23 -5.71
CA ARG A 56 11.24 0.42 -5.91
C ARG A 56 10.77 -0.30 -4.64
N ASN A 57 11.65 -0.50 -3.67
CA ASN A 57 11.30 -1.19 -2.44
C ASN A 57 11.90 -0.46 -1.25
N ILE A 58 11.25 -0.59 -0.11
CA ILE A 58 11.71 -0.01 1.14
C ILE A 58 12.47 -1.09 1.91
N GLU A 59 13.77 -0.85 2.13
CA GLU A 59 14.61 -1.80 2.85
C GLU A 59 15.79 -1.03 3.43
N GLY A 60 16.63 -1.74 4.18
CA GLY A 60 17.85 -1.16 4.70
C GLY A 60 17.69 -0.16 5.82
N VAL A 61 16.46 0.07 6.30
CA VAL A 61 16.21 1.00 7.39
C VAL A 61 15.80 0.26 8.66
N ASP A 62 16.17 -1.02 8.78
CA ASP A 62 15.75 -1.82 9.92
C ASP A 62 16.38 -1.34 11.22
N LYS A 63 17.57 -0.73 11.15
CA LYS A 63 18.34 -0.40 12.33
C LYS A 63 18.21 1.07 12.74
N LEU A 64 17.48 1.88 11.99
CA LEU A 64 17.35 3.31 12.28
C LEU A 64 16.21 3.55 13.26
N THR A 65 16.36 2.98 14.46
CA THR A 65 15.29 2.98 15.45
C THR A 65 14.94 4.38 15.95
N ARG A 66 15.79 5.38 15.70
CA ARG A 66 15.55 6.74 16.17
C ARG A 66 15.02 7.66 15.08
N LEU A 67 14.60 7.12 13.95
CA LEU A 67 14.06 7.95 12.88
C LEU A 67 12.78 8.66 13.31
N LYS A 68 12.74 9.97 13.09
CA LYS A 68 11.57 10.79 13.38
C LYS A 68 10.81 11.22 12.13
N LYS A 69 11.52 11.54 11.04
CA LYS A 69 10.92 11.88 9.77
C LYS A 69 11.54 11.04 8.66
N LEU A 70 10.70 10.56 7.74
CA LEU A 70 11.16 9.75 6.61
C LEU A 70 10.52 10.28 5.33
N PHE A 71 11.34 10.86 4.45
CA PHE A 71 10.87 11.43 3.19
C PHE A 71 11.25 10.50 2.05
N LEU A 72 10.24 9.89 1.42
CA LEU A 72 10.43 9.02 0.26
C LEU A 72 9.52 9.45 -0.89
N VAL A 73 9.35 10.76 -1.06
CA VAL A 73 8.44 11.25 -2.09
C VAL A 73 9.01 10.95 -3.47
N ASN A 74 8.11 10.71 -4.42
CA ASN A 74 8.44 10.48 -5.83
C ASN A 74 9.47 9.39 -6.02
N ASN A 75 9.05 8.14 -5.90
CA ASN A 75 9.89 6.99 -6.22
C ASN A 75 9.04 6.00 -7.02
N LYS A 76 9.47 4.74 -7.04
CA LYS A 76 8.74 3.67 -7.69
C LYS A 76 8.34 2.59 -6.69
N ILE A 77 8.05 3.02 -5.46
CA ILE A 77 7.72 2.08 -4.38
C ILE A 77 6.35 1.49 -4.61
N SER A 78 6.28 0.15 -4.61
CA SER A 78 5.03 -0.56 -4.89
C SER A 78 4.33 -1.06 -3.64
N LYS A 79 5.07 -1.34 -2.56
CA LYS A 79 4.49 -1.91 -1.35
C LYS A 79 5.16 -1.29 -0.13
N ILE A 80 4.36 -1.07 0.92
CA ILE A 80 4.82 -0.51 2.17
C ILE A 80 5.30 -1.66 3.05
N GLU A 81 6.55 -1.61 3.49
CA GLU A 81 7.16 -2.73 4.21
C GLU A 81 8.44 -2.25 4.86
N ASN A 82 8.96 -3.08 5.78
CA ASN A 82 10.27 -2.89 6.38
C ASN A 82 10.36 -1.54 7.12
N LEU A 83 9.28 -1.19 7.82
CA LEU A 83 9.26 0.02 8.65
C LEU A 83 8.86 -0.29 10.09
N SER A 84 8.76 -1.57 10.45
CA SER A 84 8.17 -1.94 11.74
C SER A 84 9.04 -1.56 12.93
N ASN A 85 10.34 -1.40 12.75
CA ASN A 85 11.22 -1.06 13.85
C ASN A 85 11.25 0.44 14.15
N LEU A 86 10.67 1.27 13.28
CA LEU A 86 10.73 2.73 13.45
C LEU A 86 9.59 3.19 14.36
N HIS A 87 9.75 2.91 15.66
CA HIS A 87 8.73 3.28 16.62
C HIS A 87 8.67 4.79 16.84
N GLN A 88 9.80 5.48 16.71
CA GLN A 88 9.83 6.92 16.96
C GLN A 88 9.36 7.73 15.75
N LEU A 89 9.02 7.07 14.64
CA LEU A 89 8.63 7.77 13.43
C LEU A 89 7.39 8.63 13.69
N GLN A 90 7.50 9.92 13.38
CA GLN A 90 6.40 10.85 13.52
C GLN A 90 5.83 11.32 12.19
N MET A 91 6.66 11.45 11.17
CA MET A 91 6.23 11.88 9.85
C MET A 91 6.67 10.84 8.82
N LEU A 92 5.74 10.44 7.95
CA LEU A 92 6.02 9.49 6.89
C LEU A 92 5.50 10.07 5.59
N GLU A 93 6.41 10.31 4.65
CA GLU A 93 6.08 10.94 3.38
C GLU A 93 6.31 9.92 2.26
N LEU A 94 5.22 9.43 1.67
CA LEU A 94 5.28 8.45 0.59
C LEU A 94 4.51 8.92 -0.64
N GLY A 95 4.49 10.23 -0.89
CA GLY A 95 3.75 10.74 -2.03
C GLY A 95 4.41 10.43 -3.35
N SER A 96 3.60 10.47 -4.40
CA SER A 96 4.03 10.23 -5.78
C SER A 96 4.77 8.90 -5.91
N ASN A 97 4.07 7.83 -5.54
CA ASN A 97 4.64 6.48 -5.61
C ASN A 97 3.67 5.57 -6.37
N ARG A 98 3.87 4.27 -6.24
CA ARG A 98 3.08 3.26 -6.95
C ARG A 98 2.48 2.26 -5.97
N ILE A 99 2.10 2.73 -4.79
CA ILE A 99 1.54 1.90 -3.75
C ILE A 99 0.07 1.63 -4.06
N ARG A 100 -0.38 0.39 -3.84
CA ARG A 100 -1.76 0.05 -4.13
C ARG A 100 -2.57 -0.30 -2.89
N ALA A 101 -1.93 -0.46 -1.72
CA ALA A 101 -2.64 -0.83 -0.50
C ALA A 101 -1.89 -0.33 0.71
N ILE A 102 -2.64 0.03 1.75
CA ILE A 102 -2.07 0.48 3.02
C ILE A 102 -1.86 -0.74 3.90
N GLU A 103 -0.60 -1.00 4.25
CA GLU A 103 -0.25 -2.19 5.01
C GLU A 103 0.97 -1.90 5.87
N ASN A 104 1.15 -2.72 6.91
CA ASN A 104 2.41 -2.84 7.64
C ASN A 104 2.83 -1.54 8.31
N ILE A 105 1.88 -0.68 8.67
CA ILE A 105 2.18 0.53 9.42
C ILE A 105 1.56 0.54 10.81
N ASP A 106 0.94 -0.57 11.22
CA ASP A 106 0.28 -0.62 12.51
C ASP A 106 1.25 -0.50 13.68
N THR A 107 2.55 -0.70 13.43
CA THR A 107 3.56 -0.57 14.48
C THR A 107 4.01 0.87 14.69
N LEU A 108 3.54 1.82 13.88
CA LEU A 108 3.99 3.21 13.95
C LEU A 108 2.97 4.04 14.72
N THR A 109 2.83 3.73 16.01
CA THR A 109 1.79 4.37 16.81
C THR A 109 2.10 5.83 17.11
N ASN A 110 3.34 6.26 16.94
CA ASN A 110 3.72 7.65 17.17
C ASN A 110 3.68 8.48 15.88
N LEU A 111 3.02 7.99 14.84
CA LEU A 111 2.90 8.73 13.60
C LEU A 111 1.93 9.89 13.79
N GLU A 112 2.41 11.11 13.55
CA GLU A 112 1.56 12.30 13.56
C GLU A 112 1.18 12.77 12.17
N SER A 113 1.91 12.35 11.13
CA SER A 113 1.66 12.79 9.77
C SER A 113 1.87 11.61 8.82
N LEU A 114 0.90 11.39 7.94
CA LEU A 114 0.95 10.32 6.95
C LEU A 114 0.55 10.88 5.60
N PHE A 115 1.47 10.86 4.63
CA PHE A 115 1.24 11.40 3.31
C PHE A 115 1.35 10.27 2.29
N LEU A 116 0.26 10.03 1.55
CA LEU A 116 0.22 8.97 0.55
C LEU A 116 -0.40 9.48 -0.75
N GLY A 117 -0.20 10.75 -1.07
CA GLY A 117 -0.79 11.32 -2.26
C GLY A 117 -0.15 10.81 -3.54
N LYS A 118 -0.90 10.96 -4.63
CA LYS A 118 -0.46 10.56 -5.97
C LYS A 118 0.02 9.11 -5.99
N ASN A 119 -0.80 8.22 -5.41
CA ASN A 119 -0.54 6.79 -5.49
C ASN A 119 -1.70 6.07 -6.15
N LYS A 120 -1.86 4.77 -5.86
CA LYS A 120 -2.91 3.96 -6.47
C LYS A 120 -3.71 3.21 -5.42
N ILE A 121 -3.76 3.72 -4.19
CA ILE A 121 -4.50 3.05 -3.12
C ILE A 121 -5.99 3.08 -3.43
N THR A 122 -6.66 1.94 -3.27
CA THR A 122 -8.07 1.81 -3.60
C THR A 122 -8.99 1.78 -2.37
N LYS A 123 -8.47 1.46 -1.19
CA LYS A 123 -9.32 1.35 -0.01
C LYS A 123 -8.60 1.91 1.21
N LEU A 124 -9.33 2.66 2.03
CA LEU A 124 -8.81 3.15 3.31
C LEU A 124 -8.92 2.04 4.35
N GLN A 125 -7.78 1.54 4.82
CA GLN A 125 -7.76 0.44 5.76
C GLN A 125 -6.42 0.44 6.49
N ASN A 126 -6.35 -0.39 7.53
CA ASN A 126 -5.12 -0.63 8.28
C ASN A 126 -4.56 0.64 8.90
N LEU A 127 -5.44 1.60 9.22
CA LEU A 127 -5.07 2.82 9.92
C LEU A 127 -5.51 2.81 11.37
N ASP A 128 -6.04 1.69 11.86
CA ASP A 128 -6.69 1.64 13.17
C ASP A 128 -5.74 1.84 14.33
N ALA A 129 -4.44 1.67 14.11
CA ALA A 129 -3.47 1.75 15.21
C ALA A 129 -2.83 3.12 15.35
N LEU A 130 -3.07 4.05 14.43
CA LEU A 130 -2.41 5.35 14.45
C LEU A 130 -3.30 6.37 15.15
N THR A 131 -3.47 6.18 16.46
CA THR A 131 -4.35 7.05 17.23
C THR A 131 -3.76 8.44 17.44
N ASN A 132 -2.45 8.60 17.24
CA ASN A 132 -1.81 9.91 17.33
C ASN A 132 -1.77 10.64 16.00
N LEU A 133 -2.43 10.12 14.97
CA LEU A 133 -2.35 10.70 13.64
C LEU A 133 -3.08 12.03 13.60
N THR A 134 -2.35 13.09 13.26
CA THR A 134 -2.92 14.43 13.14
C THR A 134 -3.22 14.81 11.70
N VAL A 135 -2.38 14.41 10.74
CA VAL A 135 -2.52 14.77 9.35
C VAL A 135 -2.51 13.50 8.52
N LEU A 136 -3.48 13.38 7.61
CA LEU A 136 -3.57 12.24 6.70
C LEU A 136 -3.87 12.77 5.31
N SER A 137 -2.96 12.50 4.36
CA SER A 137 -3.14 12.92 2.97
C SER A 137 -3.32 11.68 2.11
N MET A 138 -4.48 11.55 1.49
CA MET A 138 -4.79 10.47 0.56
C MET A 138 -5.35 11.03 -0.73
N GLN A 139 -4.71 12.08 -1.24
CA GLN A 139 -5.17 12.76 -2.43
C GLN A 139 -4.60 12.12 -3.69
N SER A 140 -5.33 12.27 -4.80
CA SER A 140 -4.94 11.72 -6.09
C SER A 140 -4.70 10.21 -6.01
N ASN A 141 -5.64 9.51 -5.38
CA ASN A 141 -5.61 8.07 -5.23
C ASN A 141 -6.79 7.44 -5.98
N ARG A 142 -7.08 6.17 -5.67
CA ARG A 142 -8.22 5.45 -6.23
C ARG A 142 -9.32 5.22 -5.20
N LEU A 143 -9.42 6.11 -4.22
CA LEU A 143 -10.42 5.95 -3.16
C LEU A 143 -11.83 6.15 -3.70
N THR A 144 -12.75 5.25 -3.30
CA THR A 144 -14.15 5.35 -3.66
C THR A 144 -15.09 5.49 -2.47
N LYS A 145 -14.61 5.23 -1.25
CA LYS A 145 -15.45 5.30 -0.06
C LYS A 145 -14.60 5.75 1.12
N ILE A 146 -15.14 6.65 1.93
CA ILE A 146 -14.47 7.12 3.13
C ILE A 146 -14.76 6.15 4.27
N GLU A 147 -13.71 5.53 4.79
CA GLU A 147 -13.85 4.53 5.84
C GLU A 147 -12.50 4.37 6.53
N GLY A 148 -12.46 3.49 7.53
CA GLY A 148 -11.22 3.21 8.23
C GLY A 148 -10.67 4.36 9.05
N LEU A 149 -11.44 5.42 9.26
CA LEU A 149 -10.99 6.58 10.02
C LEU A 149 -11.57 6.61 11.43
N GLN A 150 -12.20 5.53 11.89
CA GLN A 150 -12.93 5.53 13.15
C GLN A 150 -12.00 5.65 14.37
N ASN A 151 -10.71 5.37 14.21
CA ASN A 151 -9.78 5.43 15.32
C ASN A 151 -8.86 6.64 15.26
N LEU A 152 -8.99 7.48 14.23
CA LEU A 152 -8.17 8.69 14.13
C LEU A 152 -8.91 9.83 14.83
N VAL A 153 -8.87 9.77 16.16
CA VAL A 153 -9.65 10.71 16.96
C VAL A 153 -8.96 12.07 17.05
N ASN A 154 -7.63 12.11 16.93
CA ASN A 154 -6.89 13.36 16.94
C ASN A 154 -6.61 13.87 15.54
N LEU A 155 -7.29 13.33 14.54
CA LEU A 155 -7.10 13.78 13.16
C LEU A 155 -7.60 15.21 13.02
N ARG A 156 -6.69 16.12 12.64
CA ARG A 156 -7.05 17.51 12.43
C ARG A 156 -6.97 17.96 10.97
N GLU A 157 -6.27 17.21 10.12
CA GLU A 157 -6.16 17.56 8.70
C GLU A 157 -6.33 16.30 7.86
N LEU A 158 -7.32 16.31 6.97
CA LEU A 158 -7.63 15.18 6.11
C LEU A 158 -7.79 15.67 4.68
N TYR A 159 -6.99 15.13 3.77
CA TYR A 159 -6.98 15.55 2.37
C TYR A 159 -7.35 14.35 1.50
N LEU A 160 -8.50 14.44 0.82
CA LEU A 160 -9.00 13.37 -0.04
C LEU A 160 -9.30 13.87 -1.43
N SER A 161 -8.51 14.83 -1.93
CA SER A 161 -8.77 15.40 -3.24
C SER A 161 -8.48 14.39 -4.35
N HIS A 162 -9.21 14.55 -5.46
CA HIS A 162 -9.00 13.75 -6.68
C HIS A 162 -9.13 12.26 -6.38
N ASN A 163 -10.36 11.85 -6.10
CA ASN A 163 -10.69 10.45 -5.89
C ASN A 163 -12.06 10.21 -6.51
N GLY A 164 -12.65 9.06 -6.19
CA GLY A 164 -13.96 8.72 -6.71
C GLY A 164 -15.01 8.65 -5.62
N ILE A 165 -14.83 9.46 -4.57
CA ILE A 165 -15.76 9.47 -3.46
C ILE A 165 -17.08 10.08 -3.91
N GLU A 166 -18.18 9.38 -3.62
CA GLU A 166 -19.51 9.87 -3.96
C GLU A 166 -20.31 10.34 -2.75
N VAL A 167 -20.03 9.82 -1.56
CA VAL A 167 -20.77 10.14 -0.35
C VAL A 167 -19.80 10.55 0.74
N ILE A 168 -20.17 11.56 1.52
CA ILE A 168 -19.40 11.94 2.71
C ILE A 168 -19.91 11.14 3.90
N GLU A 169 -19.01 10.38 4.51
CA GLU A 169 -19.36 9.49 5.61
C GLU A 169 -18.07 9.06 6.29
N GLY A 170 -18.20 8.18 7.28
CA GLY A 170 -17.04 7.66 7.98
C GLY A 170 -16.27 8.66 8.81
N LEU A 171 -16.78 9.88 8.95
CA LEU A 171 -16.11 10.93 9.72
C LEU A 171 -16.71 11.09 11.12
N GLU A 172 -17.24 10.01 11.68
CA GLU A 172 -17.98 10.11 12.94
C GLU A 172 -17.08 10.52 14.10
N ASN A 173 -15.93 9.87 14.23
CA ASN A 173 -15.06 10.04 15.39
C ASN A 173 -13.91 11.01 15.13
N ASN A 174 -13.98 11.79 14.04
CA ASN A 174 -12.91 12.74 13.74
C ASN A 174 -13.38 14.15 14.06
N ASN A 175 -13.66 14.41 15.32
CA ASN A 175 -14.26 15.67 15.72
C ASN A 175 -13.26 16.81 15.75
N LYS A 176 -11.97 16.51 15.86
CA LYS A 176 -10.93 17.54 15.92
C LYS A 176 -10.52 18.03 14.54
N LEU A 177 -11.26 17.69 13.50
CA LEU A 177 -10.90 18.07 12.13
C LEU A 177 -10.99 19.58 11.96
N THR A 178 -9.87 20.18 11.55
CA THR A 178 -9.81 21.60 11.24
C THR A 178 -9.70 21.89 9.76
N MET A 179 -9.10 20.97 8.99
CA MET A 179 -8.98 21.10 7.54
C MET A 179 -9.47 19.81 6.89
N LEU A 180 -10.55 19.93 6.11
CA LEU A 180 -11.13 18.81 5.39
C LEU A 180 -11.15 19.16 3.91
N ASP A 181 -10.47 18.35 3.10
CA ASP A 181 -10.33 18.60 1.66
C ASP A 181 -10.84 17.37 0.91
N ILE A 182 -12.05 17.47 0.37
CA ILE A 182 -12.61 16.38 -0.42
C ILE A 182 -12.99 16.92 -1.79
N ALA A 183 -12.18 17.84 -2.31
CA ALA A 183 -12.47 18.44 -3.61
C ALA A 183 -12.15 17.47 -4.73
N SER A 184 -12.72 17.73 -5.91
CA SER A 184 -12.49 16.93 -7.11
C SER A 184 -12.86 15.47 -6.89
N ASN A 185 -14.12 15.28 -6.49
CA ASN A 185 -14.70 13.94 -6.33
C ASN A 185 -16.03 13.92 -7.08
N ARG A 186 -16.91 13.03 -6.67
CA ARG A 186 -18.25 12.90 -7.25
C ARG A 186 -19.31 13.06 -6.16
N ILE A 187 -19.08 13.95 -5.21
CA ILE A 187 -19.99 14.15 -4.09
C ILE A 187 -21.16 15.00 -4.56
N LYS A 188 -22.39 14.55 -4.27
CA LYS A 188 -23.59 15.28 -4.64
C LYS A 188 -24.25 15.99 -3.46
N LYS A 189 -23.98 15.58 -2.23
CA LYS A 189 -24.63 16.15 -1.06
C LYS A 189 -23.67 16.20 0.11
N ILE A 190 -23.72 17.31 0.85
CA ILE A 190 -22.94 17.47 2.07
C ILE A 190 -23.71 16.84 3.22
N GLU A 191 -23.13 15.80 3.80
CA GLU A 191 -23.79 15.06 4.88
C GLU A 191 -22.78 14.73 5.96
N ASN A 192 -23.30 14.41 7.15
CA ASN A 192 -22.55 13.77 8.22
C ASN A 192 -21.31 14.56 8.62
N ILE A 193 -21.35 15.89 8.54
CA ILE A 193 -20.23 16.71 9.01
C ILE A 193 -20.72 17.77 9.99
N SER A 194 -21.97 17.64 10.44
CA SER A 194 -22.50 18.61 11.40
C SER A 194 -21.79 18.53 12.75
N HIS A 195 -21.20 17.39 13.08
CA HIS A 195 -20.44 17.25 14.32
C HIS A 195 -19.04 17.81 14.22
N LEU A 196 -18.60 18.23 13.02
CA LEU A 196 -17.27 18.79 12.84
C LEU A 196 -17.33 20.28 13.15
N THR A 197 -17.22 20.60 14.43
CA THR A 197 -17.38 21.97 14.91
C THR A 197 -16.10 22.78 14.81
N GLU A 198 -14.94 22.13 14.78
CA GLU A 198 -13.67 22.84 14.73
C GLU A 198 -13.13 23.01 13.31
N LEU A 199 -13.97 22.78 12.29
CA LEU A 199 -13.54 22.99 10.91
C LEU A 199 -13.21 24.45 10.68
N GLN A 200 -12.05 24.69 10.08
CA GLN A 200 -11.61 26.04 9.71
C GLN A 200 -11.60 26.23 8.19
N GLU A 201 -11.02 25.30 7.46
CA GLU A 201 -11.02 25.33 6.00
C GLU A 201 -11.68 24.07 5.47
N PHE A 202 -12.44 24.21 4.38
CA PHE A 202 -13.22 23.11 3.84
C PHE A 202 -13.28 23.27 2.33
N TRP A 203 -12.58 22.37 1.62
CA TRP A 203 -12.51 22.41 0.17
C TRP A 203 -13.48 21.38 -0.41
N MET A 204 -14.41 21.85 -1.24
CA MET A 204 -15.36 20.97 -1.90
C MET A 204 -15.59 21.38 -3.35
N ASN A 205 -14.58 22.01 -3.96
CA ASN A 205 -14.69 22.40 -5.35
C ASN A 205 -14.65 21.17 -6.25
N ASP A 206 -15.16 21.33 -7.48
CA ASP A 206 -15.14 20.28 -8.50
C ASP A 206 -15.88 19.02 -8.03
N ASN A 207 -17.09 19.21 -7.54
CA ASN A 207 -17.97 18.09 -7.19
C ASN A 207 -19.29 18.29 -7.91
N LEU A 208 -20.36 17.70 -7.37
CA LEU A 208 -21.69 17.75 -7.98
C LEU A 208 -22.72 18.26 -6.99
N LEU A 209 -22.35 19.25 -6.17
CA LEU A 209 -23.28 19.79 -5.18
C LEU A 209 -24.42 20.56 -5.87
N GLU A 210 -25.65 20.27 -5.47
CA GLU A 210 -26.82 20.85 -6.12
C GLU A 210 -27.65 21.71 -5.18
N SER A 211 -28.03 21.19 -4.01
CA SER A 211 -28.96 21.89 -3.13
C SER A 211 -28.22 22.84 -2.21
N TRP A 212 -28.76 24.05 -2.07
CA TRP A 212 -28.20 25.03 -1.14
C TRP A 212 -28.46 24.69 0.32
N SER A 213 -29.44 23.82 0.59
CA SER A 213 -29.73 23.44 1.97
C SER A 213 -28.66 22.56 2.59
N ASP A 214 -27.64 22.15 1.83
CA ASP A 214 -26.56 21.38 2.40
C ASP A 214 -25.64 22.21 3.27
N LEU A 215 -25.60 23.53 3.07
CA LEU A 215 -24.77 24.40 3.89
C LEU A 215 -25.23 24.42 5.35
N ASP A 216 -26.39 23.84 5.67
CA ASP A 216 -26.83 23.75 7.05
C ASP A 216 -25.93 22.81 7.86
N GLU A 217 -25.20 21.92 7.20
CA GLU A 217 -24.29 21.03 7.91
C GLU A 217 -23.08 21.79 8.46
N LEU A 218 -22.70 22.89 7.83
CA LEU A 218 -21.54 23.66 8.23
C LEU A 218 -21.86 24.74 9.26
N LYS A 219 -23.11 24.81 9.71
CA LYS A 219 -23.51 25.88 10.63
C LYS A 219 -22.87 25.75 12.00
N GLY A 220 -22.45 24.54 12.39
CA GLY A 220 -21.85 24.36 13.70
C GLY A 220 -20.41 24.79 13.81
N ALA A 221 -19.72 24.98 12.68
CA ALA A 221 -18.31 25.37 12.67
C ALA A 221 -18.24 26.88 12.79
N ARG A 222 -18.15 27.38 14.02
CA ARG A 222 -18.10 28.82 14.22
C ARG A 222 -16.75 29.42 13.88
N SER A 223 -15.70 28.59 13.78
CA SER A 223 -14.38 29.04 13.38
C SER A 223 -14.09 28.81 11.91
N LEU A 224 -15.10 28.43 11.13
CA LEU A 224 -14.93 28.19 9.71
C LEU A 224 -14.54 29.49 9.01
N GLU A 225 -13.31 29.56 8.50
CA GLU A 225 -12.76 30.77 7.92
C GLU A 225 -12.69 30.75 6.41
N THR A 226 -12.45 29.59 5.80
CA THR A 226 -12.31 29.47 4.36
C THR A 226 -13.15 28.29 3.87
N VAL A 227 -13.80 28.47 2.73
CA VAL A 227 -14.62 27.42 2.13
C VAL A 227 -14.49 27.53 0.62
N TYR A 228 -14.28 26.39 -0.05
CA TYR A 228 -14.17 26.32 -1.50
C TYR A 228 -15.34 25.51 -2.03
N LEU A 229 -16.15 26.14 -2.89
CA LEU A 229 -17.31 25.49 -3.48
C LEU A 229 -17.40 25.70 -4.98
N GLU A 230 -16.38 26.29 -5.60
CA GLU A 230 -16.45 26.61 -7.02
C GLU A 230 -16.49 25.34 -7.87
N ARG A 231 -16.84 25.52 -9.15
CA ARG A 231 -16.99 24.44 -10.11
C ARG A 231 -17.98 23.37 -9.66
N ASN A 232 -18.84 23.70 -8.71
CA ASN A 232 -20.01 22.90 -8.41
C ASN A 232 -21.20 23.43 -9.18
N PRO A 233 -22.28 22.66 -9.30
CA PRO A 233 -23.53 23.22 -9.84
C PRO A 233 -24.08 24.36 -9.01
N LEU A 234 -23.57 24.58 -7.79
CA LEU A 234 -23.99 25.72 -6.99
C LEU A 234 -23.56 27.04 -7.60
N GLN A 235 -22.44 27.05 -8.32
CA GLN A 235 -21.93 28.30 -8.88
C GLN A 235 -22.80 28.82 -10.01
N LYS A 236 -23.66 27.99 -10.58
CA LYS A 236 -24.61 28.47 -11.58
C LYS A 236 -25.58 29.50 -11.02
N ASP A 237 -25.78 29.50 -9.70
CA ASP A 237 -26.62 30.50 -9.07
C ASP A 237 -25.95 31.86 -9.15
N PRO A 238 -26.64 32.90 -9.62
CA PRO A 238 -25.99 34.22 -9.75
C PRO A 238 -25.65 34.87 -8.42
N GLN A 239 -26.27 34.46 -7.32
CA GLN A 239 -25.90 34.91 -5.98
C GLN A 239 -25.14 33.84 -5.23
N TYR A 240 -24.31 33.07 -5.94
CA TYR A 240 -23.56 31.97 -5.33
C TYR A 240 -22.69 32.44 -4.18
N ARG A 241 -21.93 33.53 -4.40
CA ARG A 241 -21.04 34.01 -3.33
C ARG A 241 -21.83 34.54 -2.14
N ARG A 242 -22.90 35.30 -2.40
CA ARG A 242 -23.69 35.86 -1.30
C ARG A 242 -24.44 34.77 -0.55
N LYS A 243 -24.94 33.75 -1.26
CA LYS A 243 -25.66 32.67 -0.57
C LYS A 243 -24.73 31.90 0.36
N VAL A 244 -23.50 31.65 -0.08
CA VAL A 244 -22.52 31.03 0.82
C VAL A 244 -22.21 31.98 1.96
N MET A 245 -22.09 33.28 1.65
CA MET A 245 -21.81 34.28 2.68
C MET A 245 -22.88 34.30 3.75
N LEU A 246 -24.16 34.30 3.35
CA LEU A 246 -25.23 34.38 4.34
C LEU A 246 -25.36 33.10 5.14
N ALA A 247 -25.25 31.94 4.49
CA ALA A 247 -25.36 30.67 5.20
C ALA A 247 -24.20 30.47 6.16
N LEU A 248 -22.99 30.82 5.73
CA LEU A 248 -21.79 30.67 6.56
C LEU A 248 -21.22 32.05 6.90
N PRO A 249 -21.73 32.70 7.95
CA PRO A 249 -21.28 34.07 8.26
C PRO A 249 -19.86 34.14 8.80
N SER A 250 -19.31 33.05 9.34
CA SER A 250 -17.98 33.09 9.92
C SER A 250 -16.87 33.11 8.88
N VAL A 251 -17.13 32.64 7.66
CA VAL A 251 -16.07 32.51 6.66
C VAL A 251 -15.67 33.90 6.16
N ARG A 252 -14.37 34.08 5.94
CA ARG A 252 -13.83 35.32 5.40
C ARG A 252 -13.37 35.18 3.96
N GLN A 253 -13.41 33.98 3.40
CA GLN A 253 -12.89 33.74 2.06
C GLN A 253 -13.69 32.63 1.40
N ILE A 254 -14.30 32.95 0.27
CA ILE A 254 -15.06 32.00 -0.53
C ILE A 254 -14.32 31.83 -1.85
N ASP A 255 -13.89 30.61 -2.12
CA ASP A 255 -13.03 30.30 -3.28
C ASP A 255 -11.78 31.17 -3.14
N ALA A 256 -11.40 31.94 -4.16
CA ALA A 256 -10.20 32.76 -4.12
C ALA A 256 -10.50 34.22 -3.82
N THR A 257 -11.66 34.53 -3.27
CA THR A 257 -12.09 35.90 -3.04
C THR A 257 -12.43 36.08 -1.56
N PHE A 258 -11.94 37.18 -0.98
CA PHE A 258 -12.26 37.48 0.41
C PHE A 258 -13.62 38.16 0.51
N VAL A 259 -14.19 38.13 1.71
CA VAL A 259 -15.46 38.77 2.00
C VAL A 259 -15.28 39.79 3.11
N VAL B 1 23.85 7.13 -19.51
CA VAL B 1 22.93 6.40 -18.66
C VAL B 1 22.37 5.20 -19.42
N LYS B 2 21.72 4.29 -18.71
CA LYS B 2 21.17 3.09 -19.32
C LYS B 2 19.90 2.68 -18.58
N THR B 3 18.99 3.64 -18.39
CA THR B 3 17.73 3.39 -17.68
C THR B 3 16.76 4.48 -18.08
N LEU B 4 15.74 4.13 -18.86
CA LEU B 4 14.72 5.07 -19.30
C LEU B 4 13.45 4.89 -18.47
N CYS B 5 12.85 6.01 -18.07
CA CYS B 5 11.64 5.99 -17.24
C CYS B 5 10.59 6.88 -17.88
N LEU B 6 9.56 6.26 -18.46
CA LEU B 6 8.48 6.99 -19.13
C LEU B 6 7.22 7.04 -18.26
N ARG B 7 7.39 7.37 -16.99
CA ARG B 7 6.28 7.42 -16.05
C ARG B 7 5.43 8.66 -16.30
N GLN B 8 4.12 8.51 -16.10
CA GLN B 8 3.14 9.59 -16.23
C GLN B 8 3.19 10.19 -17.64
N ASN B 9 2.75 9.39 -18.62
CA ASN B 9 2.62 9.87 -20.00
C ASN B 9 1.27 9.39 -20.55
N LEU B 10 1.06 9.66 -21.84
CA LEU B 10 -0.13 9.22 -22.56
C LEU B 10 0.23 8.27 -23.71
N ILE B 11 1.26 7.46 -23.52
CA ILE B 11 1.72 6.57 -24.58
C ILE B 11 0.69 5.50 -24.87
N LYS B 12 0.32 5.35 -26.15
CA LYS B 12 -0.64 4.34 -26.57
C LYS B 12 0.00 3.25 -27.43
N CYS B 13 1.23 3.44 -27.90
CA CYS B 13 1.90 2.45 -28.74
C CYS B 13 3.41 2.59 -28.55
N ILE B 14 4.10 1.46 -28.66
CA ILE B 14 5.55 1.43 -28.51
C ILE B 14 6.19 1.59 -29.88
N GLU B 15 6.99 2.63 -30.06
CA GLU B 15 7.65 2.87 -31.33
C GLU B 15 8.98 3.58 -31.08
N ASN B 16 9.84 3.53 -32.10
CA ASN B 16 11.18 4.15 -32.10
C ASN B 16 11.92 3.91 -30.78
N LEU B 17 11.94 2.66 -30.32
CA LEU B 17 12.69 2.26 -29.15
C LEU B 17 13.76 1.23 -29.50
N GLU B 18 14.38 1.40 -30.66
CA GLU B 18 15.33 0.42 -31.19
C GLU B 18 16.78 0.82 -30.98
N GLU B 19 17.10 2.12 -30.95
CA GLU B 19 18.49 2.57 -30.95
C GLU B 19 19.21 2.23 -29.65
N LEU B 20 18.50 2.11 -28.54
CA LEU B 20 19.12 1.91 -27.23
C LEU B 20 19.37 0.41 -27.03
N GLN B 21 20.64 0.01 -27.12
CA GLN B 21 21.01 -1.40 -26.99
C GLN B 21 21.49 -1.78 -25.60
N SER B 22 22.08 -0.85 -24.85
CA SER B 22 22.63 -1.13 -23.54
C SER B 22 21.62 -0.91 -22.41
N LEU B 23 20.34 -0.77 -22.76
CA LEU B 23 19.32 -0.51 -21.75
C LEU B 23 19.17 -1.70 -20.80
N ARG B 24 19.21 -1.42 -19.50
CA ARG B 24 19.04 -2.44 -18.48
C ARG B 24 17.65 -2.43 -17.85
N GLU B 25 16.94 -1.31 -17.91
CA GLU B 25 15.62 -1.19 -17.30
C GLU B 25 14.74 -0.29 -18.15
N LEU B 26 13.54 -0.76 -18.49
CA LEU B 26 12.55 0.03 -19.20
C LEU B 26 11.32 0.18 -18.32
N ASP B 27 10.88 1.41 -18.11
CA ASP B 27 9.76 1.73 -17.23
C ASP B 27 8.65 2.37 -18.05
N LEU B 28 7.51 1.68 -18.16
CA LEU B 28 6.33 2.16 -18.85
C LEU B 28 5.14 2.25 -17.91
N TYR B 29 5.39 2.71 -16.68
CA TYR B 29 4.36 2.74 -15.65
C TYR B 29 3.31 3.82 -15.94
N ASP B 30 2.04 3.45 -15.75
CA ASP B 30 0.90 4.36 -15.85
C ASP B 30 0.85 5.04 -17.22
N ASN B 31 0.62 4.22 -18.23
CA ASN B 31 0.38 4.73 -19.58
C ASN B 31 -0.88 4.08 -20.15
N GLN B 32 -1.13 4.25 -21.44
CA GLN B 32 -2.29 3.68 -22.10
C GLN B 32 -1.89 2.67 -23.18
N ILE B 33 -0.77 1.98 -22.98
CA ILE B 33 -0.30 1.01 -23.96
C ILE B 33 -1.26 -0.18 -24.01
N LYS B 34 -1.53 -0.65 -25.23
CA LYS B 34 -2.45 -1.77 -25.44
C LYS B 34 -1.78 -3.03 -25.96
N LYS B 35 -0.52 -2.95 -26.38
CA LYS B 35 0.16 -4.10 -26.96
C LYS B 35 1.66 -3.96 -26.75
N ILE B 36 2.30 -5.08 -26.39
CA ILE B 36 3.75 -5.13 -26.23
C ILE B 36 4.38 -5.45 -27.58
N GLU B 37 5.23 -4.55 -28.07
CA GLU B 37 5.89 -4.74 -29.35
C GLU B 37 7.15 -3.88 -29.38
N ASN B 38 7.97 -4.11 -30.41
CA ASN B 38 9.21 -3.36 -30.64
C ASN B 38 10.18 -3.48 -29.47
N LEU B 39 10.09 -4.57 -28.70
CA LEU B 39 10.98 -4.81 -27.59
C LEU B 39 12.03 -5.88 -27.88
N GLU B 40 12.05 -6.43 -29.09
CA GLU B 40 12.94 -7.55 -29.39
C GLU B 40 14.41 -7.17 -29.30
N ALA B 41 14.75 -5.89 -29.45
CA ALA B 41 16.14 -5.46 -29.47
C ALA B 41 16.75 -5.29 -28.09
N LEU B 42 15.94 -5.26 -27.03
CA LEU B 42 16.45 -4.98 -25.67
C LEU B 42 16.84 -6.30 -25.01
N THR B 43 18.00 -6.82 -25.43
CA THR B 43 18.44 -8.14 -24.98
C THR B 43 19.05 -8.09 -23.59
N GLU B 44 19.64 -6.96 -23.20
CA GLU B 44 20.27 -6.80 -21.90
C GLU B 44 19.30 -6.28 -20.85
N LEU B 45 17.99 -6.30 -21.12
CA LEU B 45 17.01 -5.83 -20.17
C LEU B 45 16.91 -6.78 -18.97
N GLU B 46 17.03 -6.23 -17.76
CA GLU B 46 16.88 -6.99 -16.54
C GLU B 46 15.56 -6.70 -15.82
N ILE B 47 14.97 -5.53 -16.04
CA ILE B 47 13.73 -5.13 -15.38
C ILE B 47 12.83 -4.48 -16.41
N LEU B 48 11.63 -5.02 -16.59
CA LEU B 48 10.63 -4.45 -17.48
C LEU B 48 9.38 -4.16 -16.67
N ASP B 49 8.92 -2.91 -16.71
CA ASP B 49 7.78 -2.47 -15.92
C ASP B 49 6.75 -1.84 -16.87
N ILE B 50 5.72 -2.60 -17.21
CA ILE B 50 4.61 -2.09 -18.01
C ILE B 50 3.35 -2.14 -17.15
N SER B 51 3.47 -1.72 -15.89
CA SER B 51 2.34 -1.76 -14.97
C SER B 51 1.37 -0.61 -15.26
N PHE B 52 0.12 -0.83 -14.85
CA PHE B 52 -0.95 0.16 -14.99
C PHE B 52 -1.08 0.64 -16.43
N ASN B 53 -1.41 -0.31 -17.31
CA ASN B 53 -1.61 -0.04 -18.72
C ASN B 53 -2.89 -0.74 -19.16
N LEU B 54 -3.05 -0.93 -20.47
CA LEU B 54 -4.22 -1.56 -21.05
C LEU B 54 -3.86 -2.88 -21.73
N LEU B 55 -2.81 -3.54 -21.25
CA LEU B 55 -2.37 -4.80 -21.87
C LEU B 55 -3.41 -5.88 -21.63
N ARG B 56 -3.78 -6.58 -22.71
CA ARG B 56 -4.73 -7.68 -22.63
C ARG B 56 -4.06 -9.04 -22.76
N ASN B 57 -2.88 -9.11 -23.35
CA ASN B 57 -2.18 -10.37 -23.56
C ASN B 57 -0.70 -10.16 -23.27
N ILE B 58 -0.02 -11.24 -22.87
CA ILE B 58 1.41 -11.22 -22.61
C ILE B 58 2.13 -11.70 -23.86
N GLU B 59 2.92 -10.82 -24.48
CA GLU B 59 3.66 -11.16 -25.68
C GLU B 59 4.84 -10.20 -25.78
N GLY B 60 5.67 -10.41 -26.81
CA GLY B 60 6.79 -9.52 -27.08
C GLY B 60 7.95 -9.61 -26.12
N VAL B 61 7.91 -10.53 -25.16
CA VAL B 61 9.00 -10.71 -24.22
C VAL B 61 9.73 -12.04 -24.45
N ASP B 62 9.61 -12.60 -25.67
CA ASP B 62 10.21 -13.90 -25.94
C ASP B 62 11.73 -13.84 -25.95
N LYS B 63 12.31 -12.69 -26.30
CA LYS B 63 13.75 -12.57 -26.47
C LYS B 63 14.46 -11.93 -25.29
N LEU B 64 13.71 -11.50 -24.25
CA LEU B 64 14.33 -10.84 -23.11
C LEU B 64 14.78 -11.87 -22.08
N THR B 65 15.70 -12.74 -22.53
CA THR B 65 16.11 -13.89 -21.74
C THR B 65 16.82 -13.50 -20.44
N ARG B 66 17.27 -12.26 -20.32
CA ARG B 66 17.99 -11.81 -19.13
C ARG B 66 17.09 -11.04 -18.17
N LEU B 67 15.78 -11.07 -18.38
CA LEU B 67 14.86 -10.38 -17.48
C LEU B 67 14.90 -11.00 -16.09
N LYS B 68 15.05 -10.14 -15.08
CA LYS B 68 15.04 -10.59 -13.69
C LYS B 68 13.74 -10.25 -12.97
N LYS B 69 13.19 -9.07 -13.23
CA LYS B 69 11.91 -8.66 -12.68
C LYS B 69 11.00 -8.20 -13.81
N LEU B 70 9.72 -8.57 -13.73
CA LEU B 70 8.72 -8.20 -14.73
C LEU B 70 7.50 -7.68 -14.01
N PHE B 71 7.22 -6.38 -14.15
CA PHE B 71 6.10 -5.74 -13.49
C PHE B 71 5.01 -5.50 -14.53
N LEU B 72 3.90 -6.23 -14.39
CA LEU B 72 2.74 -6.08 -15.26
C LEU B 72 1.48 -5.89 -14.42
N VAL B 73 1.62 -5.17 -13.31
CA VAL B 73 0.50 -4.97 -12.40
C VAL B 73 -0.56 -4.09 -13.06
N ASN B 74 -1.82 -4.34 -12.70
CA ASN B 74 -2.96 -3.56 -13.17
C ASN B 74 -3.00 -3.48 -14.69
N ASN B 75 -3.42 -4.57 -15.33
CA ASN B 75 -3.67 -4.59 -16.77
C ASN B 75 -4.96 -5.37 -16.99
N LYS B 76 -5.14 -5.86 -18.21
CA LYS B 76 -6.29 -6.69 -18.55
C LYS B 76 -5.82 -8.07 -19.02
N ILE B 77 -4.74 -8.56 -18.42
CA ILE B 77 -4.15 -9.83 -18.84
C ILE B 77 -5.07 -10.98 -18.42
N SER B 78 -5.45 -11.80 -19.38
CA SER B 78 -6.38 -12.90 -19.14
C SER B 78 -5.70 -14.26 -19.03
N LYS B 79 -4.53 -14.44 -19.64
CA LYS B 79 -3.89 -15.75 -19.69
C LYS B 79 -2.40 -15.60 -19.47
N ILE B 80 -1.82 -16.52 -18.71
CA ILE B 80 -0.38 -16.55 -18.47
C ILE B 80 0.27 -17.40 -19.57
N GLU B 81 1.18 -16.78 -20.31
CA GLU B 81 1.78 -17.43 -21.47
C GLU B 81 2.99 -16.60 -21.90
N ASN B 82 3.82 -17.21 -22.76
CA ASN B 82 4.90 -16.53 -23.45
C ASN B 82 5.90 -15.91 -22.47
N LEU B 83 6.18 -16.62 -21.38
CA LEU B 83 7.20 -16.21 -20.43
C LEU B 83 8.24 -17.30 -20.17
N SER B 84 8.21 -18.38 -20.94
CA SER B 84 9.02 -19.55 -20.63
C SER B 84 10.51 -19.33 -20.86
N ASN B 85 10.89 -18.36 -21.69
CA ASN B 85 12.29 -18.12 -21.99
C ASN B 85 12.99 -17.29 -20.91
N LEU B 86 12.26 -16.74 -19.95
CA LEU B 86 12.85 -15.88 -18.92
C LEU B 86 13.35 -16.77 -17.78
N HIS B 87 14.48 -17.43 -18.04
CA HIS B 87 15.02 -18.39 -17.08
C HIS B 87 15.52 -17.71 -15.82
N GLN B 88 16.05 -16.49 -15.95
CA GLN B 88 16.62 -15.76 -14.82
C GLN B 88 15.58 -14.98 -14.02
N LEU B 89 14.31 -15.05 -14.39
CA LEU B 89 13.28 -14.27 -13.71
C LEU B 89 13.22 -14.61 -12.23
N GLN B 90 13.33 -13.58 -11.39
CA GLN B 90 13.25 -13.73 -9.95
C GLN B 90 11.96 -13.18 -9.35
N MET B 91 11.44 -12.09 -9.90
CA MET B 91 10.21 -11.47 -9.43
C MET B 91 9.24 -11.36 -10.59
N LEU B 92 7.99 -11.80 -10.37
CA LEU B 92 6.93 -11.69 -11.36
C LEU B 92 5.71 -11.10 -10.68
N GLU B 93 5.29 -9.93 -11.15
CA GLU B 93 4.16 -9.21 -10.56
C GLU B 93 3.04 -9.15 -11.58
N LEU B 94 1.97 -9.91 -11.33
CA LEU B 94 0.81 -9.97 -12.21
C LEU B 94 -0.46 -9.62 -11.45
N GLY B 95 -0.35 -8.74 -10.45
CA GLY B 95 -1.50 -8.37 -9.67
C GLY B 95 -2.47 -7.49 -10.44
N SER B 96 -3.72 -7.49 -9.97
CA SER B 96 -4.80 -6.70 -10.56
C SER B 96 -4.93 -6.99 -12.05
N ASN B 97 -5.16 -8.26 -12.36
CA ASN B 97 -5.32 -8.70 -13.74
C ASN B 97 -6.61 -9.53 -13.82
N ARG B 98 -6.73 -10.30 -14.90
CA ARG B 98 -7.93 -11.11 -15.16
C ARG B 98 -7.53 -12.56 -15.41
N ILE B 99 -6.52 -13.04 -14.69
CA ILE B 99 -6.03 -14.39 -14.85
C ILE B 99 -6.98 -15.34 -14.14
N ARG B 100 -7.27 -16.49 -14.78
CA ARG B 100 -8.20 -17.46 -14.22
C ARG B 100 -7.54 -18.78 -13.84
N ALA B 101 -6.28 -18.99 -14.22
CA ALA B 101 -5.61 -20.24 -13.90
C ALA B 101 -4.10 -20.00 -13.91
N ILE B 102 -3.40 -20.73 -13.03
CA ILE B 102 -1.95 -20.66 -12.96
C ILE B 102 -1.39 -21.70 -13.92
N GLU B 103 -0.68 -21.25 -14.95
CA GLU B 103 -0.14 -22.15 -15.96
C GLU B 103 1.09 -21.54 -16.60
N ASN B 104 1.89 -22.40 -17.22
CA ASN B 104 2.97 -22.00 -18.13
C ASN B 104 4.04 -21.17 -17.45
N ILE B 105 4.21 -21.34 -16.14
CA ILE B 105 5.31 -20.72 -15.41
C ILE B 105 6.24 -21.75 -14.77
N ASP B 106 6.03 -23.04 -15.02
CA ASP B 106 6.84 -24.08 -14.39
C ASP B 106 8.28 -24.04 -14.84
N THR B 107 8.59 -23.35 -15.94
CA THR B 107 9.97 -23.23 -16.40
C THR B 107 10.72 -22.11 -15.69
N LEU B 108 10.06 -21.37 -14.81
CA LEU B 108 10.69 -20.23 -14.13
C LEU B 108 11.12 -20.65 -12.72
N THR B 109 12.12 -21.54 -12.69
CA THR B 109 12.55 -22.12 -11.44
C THR B 109 13.31 -21.15 -10.55
N ASN B 110 13.76 -20.02 -11.10
CA ASN B 110 14.49 -19.02 -10.33
C ASN B 110 13.58 -17.95 -9.73
N LEU B 111 12.27 -18.20 -9.68
CA LEU B 111 11.35 -17.26 -9.06
C LEU B 111 11.48 -17.33 -7.54
N GLU B 112 11.78 -16.19 -6.92
CA GLU B 112 11.74 -16.07 -5.47
C GLU B 112 10.48 -15.39 -4.98
N SER B 113 9.76 -14.68 -5.85
CA SER B 113 8.55 -13.96 -5.49
C SER B 113 7.54 -14.10 -6.62
N LEU B 114 6.31 -14.46 -6.26
CA LEU B 114 5.22 -14.61 -7.22
C LEU B 114 4.00 -13.90 -6.68
N PHE B 115 3.55 -12.86 -7.38
CA PHE B 115 2.42 -12.05 -6.96
C PHE B 115 1.31 -12.16 -7.99
N LEU B 116 0.15 -12.66 -7.55
CA LEU B 116 -1.01 -12.85 -8.41
C LEU B 116 -2.28 -12.34 -7.74
N GLY B 117 -2.16 -11.30 -6.93
CA GLY B 117 -3.32 -10.79 -6.20
C GLY B 117 -4.31 -10.09 -7.10
N LYS B 118 -5.54 -9.99 -6.59
CA LYS B 118 -6.65 -9.34 -7.30
C LYS B 118 -6.81 -9.91 -8.70
N ASN B 119 -6.85 -11.23 -8.78
CA ASN B 119 -7.15 -11.92 -10.04
C ASN B 119 -8.39 -12.77 -9.89
N LYS B 120 -8.54 -13.78 -10.75
CA LYS B 120 -9.71 -14.66 -10.74
C LYS B 120 -9.31 -16.13 -10.71
N ILE B 121 -8.13 -16.43 -10.18
CA ILE B 121 -7.66 -17.81 -10.11
C ILE B 121 -8.53 -18.59 -9.14
N THR B 122 -8.96 -19.79 -9.56
CA THR B 122 -9.85 -20.61 -8.75
C THR B 122 -9.17 -21.79 -8.08
N LYS B 123 -8.00 -22.21 -8.57
CA LYS B 123 -7.33 -23.39 -8.03
C LYS B 123 -5.83 -23.15 -7.95
N LEU B 124 -5.24 -23.57 -6.83
CA LEU B 124 -3.80 -23.55 -6.66
C LEU B 124 -3.21 -24.76 -7.36
N GLN B 125 -2.44 -24.54 -8.42
CA GLN B 125 -1.90 -25.63 -9.21
C GLN B 125 -0.71 -25.12 -10.01
N ASN B 126 0.03 -26.06 -10.60
CA ASN B 126 1.14 -25.76 -11.50
C ASN B 126 2.22 -24.94 -10.81
N LEU B 127 2.35 -25.11 -9.50
CA LEU B 127 3.40 -24.47 -8.72
C LEU B 127 4.49 -25.43 -8.28
N ASP B 128 4.43 -26.69 -8.75
CA ASP B 128 5.31 -27.74 -8.24
C ASP B 128 6.78 -27.53 -8.63
N ALA B 129 7.05 -26.71 -9.64
CA ALA B 129 8.41 -26.55 -10.15
C ALA B 129 9.13 -25.34 -9.58
N LEU B 130 8.45 -24.48 -8.82
CA LEU B 130 9.08 -23.25 -8.31
C LEU B 130 9.55 -23.49 -6.87
N THR B 131 10.57 -24.34 -6.75
CA THR B 131 11.09 -24.71 -5.44
C THR B 131 11.87 -23.58 -4.78
N ASN B 132 12.28 -22.56 -5.54
CA ASN B 132 12.97 -21.41 -4.99
C ASN B 132 12.02 -20.29 -4.56
N LEU B 133 10.72 -20.54 -4.59
CA LEU B 133 9.74 -19.50 -4.29
C LEU B 133 9.76 -19.17 -2.81
N THR B 134 10.03 -17.90 -2.48
CA THR B 134 10.05 -17.43 -1.11
C THR B 134 8.77 -16.72 -0.70
N VAL B 135 8.16 -15.96 -1.61
CA VAL B 135 6.96 -15.20 -1.32
C VAL B 135 5.90 -15.56 -2.36
N LEU B 136 4.69 -15.86 -1.90
CA LEU B 136 3.57 -16.18 -2.78
C LEU B 136 2.35 -15.40 -2.30
N SER B 137 1.83 -14.53 -3.15
CA SER B 137 0.64 -13.74 -2.85
C SER B 137 -0.50 -14.20 -3.76
N MET B 138 -1.57 -14.70 -3.16
CA MET B 138 -2.76 -15.13 -3.87
C MET B 138 -4.00 -14.51 -3.26
N GLN B 139 -3.94 -13.20 -3.00
CA GLN B 139 -5.01 -12.50 -2.31
C GLN B 139 -6.06 -12.01 -3.30
N SER B 140 -7.29 -11.87 -2.81
CA SER B 140 -8.42 -11.39 -3.60
C SER B 140 -8.62 -12.24 -4.87
N ASN B 141 -8.58 -13.56 -4.68
CA ASN B 141 -8.79 -14.51 -5.76
C ASN B 141 -10.07 -15.29 -5.50
N ARG B 142 -10.26 -16.38 -6.24
CA ARG B 142 -11.37 -17.28 -6.05
C ARG B 142 -10.93 -18.63 -5.49
N LEU B 143 -9.85 -18.63 -4.71
CA LEU B 143 -9.34 -19.85 -4.10
C LEU B 143 -10.33 -20.36 -3.07
N THR B 144 -10.62 -21.67 -3.12
CA THR B 144 -11.50 -22.30 -2.16
C THR B 144 -10.84 -23.40 -1.34
N LYS B 145 -9.64 -23.86 -1.72
CA LYS B 145 -8.97 -24.92 -1.01
C LYS B 145 -7.46 -24.70 -1.10
N ILE B 146 -6.78 -24.90 0.02
CA ILE B 146 -5.32 -24.76 0.04
C ILE B 146 -4.70 -26.07 -0.42
N GLU B 147 -3.95 -26.02 -1.52
CA GLU B 147 -3.37 -27.20 -2.12
C GLU B 147 -2.23 -26.77 -3.03
N GLY B 148 -1.57 -27.75 -3.65
CA GLY B 148 -0.50 -27.44 -4.59
C GLY B 148 0.74 -26.82 -3.97
N LEU B 149 0.84 -26.81 -2.65
CA LEU B 149 1.98 -26.22 -1.95
C LEU B 149 2.95 -27.25 -1.41
N GLN B 150 2.81 -28.52 -1.82
CA GLN B 150 3.62 -29.58 -1.25
C GLN B 150 5.09 -29.47 -1.64
N ASN B 151 5.41 -28.71 -2.70
CA ASN B 151 6.78 -28.59 -3.17
C ASN B 151 7.41 -27.23 -2.87
N LEU B 152 6.67 -26.30 -2.26
CA LEU B 152 7.20 -24.99 -1.90
C LEU B 152 7.77 -25.05 -0.49
N VAL B 153 8.96 -25.65 -0.38
CA VAL B 153 9.54 -25.88 0.94
C VAL B 153 10.21 -24.63 1.49
N ASN B 154 10.68 -23.73 0.62
CA ASN B 154 11.32 -22.49 1.05
C ASN B 154 10.36 -21.31 1.10
N LEU B 155 9.06 -21.55 1.06
CA LEU B 155 8.08 -20.48 1.18
C LEU B 155 8.14 -19.88 2.59
N ARG B 156 8.45 -18.59 2.66
CA ARG B 156 8.53 -17.89 3.94
C ARG B 156 7.39 -16.90 4.15
N GLU B 157 6.71 -16.49 3.08
CA GLU B 157 5.60 -15.56 3.17
C GLU B 157 4.50 -16.06 2.25
N LEU B 158 3.31 -16.29 2.81
CA LEU B 158 2.16 -16.77 2.06
C LEU B 158 0.96 -15.90 2.41
N TYR B 159 0.37 -15.26 1.40
CA TYR B 159 -0.75 -14.35 1.57
C TYR B 159 -1.94 -14.90 0.81
N LEU B 160 -2.99 -15.26 1.55
CA LEU B 160 -4.20 -15.84 0.98
C LEU B 160 -5.45 -15.07 1.42
N SER B 161 -5.33 -13.75 1.55
CA SER B 161 -6.44 -12.95 2.03
C SER B 161 -7.57 -12.88 1.01
N HIS B 162 -8.79 -12.73 1.53
CA HIS B 162 -10.00 -12.52 0.73
C HIS B 162 -10.19 -13.63 -0.30
N ASN B 163 -10.55 -14.81 0.23
CA ASN B 163 -10.88 -15.96 -0.59
C ASN B 163 -12.04 -16.69 0.06
N GLY B 164 -12.32 -17.90 -0.43
CA GLY B 164 -13.40 -18.71 0.11
C GLY B 164 -12.92 -19.98 0.76
N ILE B 165 -11.71 -19.93 1.32
CA ILE B 165 -11.13 -21.11 1.97
C ILE B 165 -11.89 -21.40 3.26
N GLU B 166 -12.28 -22.66 3.44
CA GLU B 166 -12.97 -23.08 4.65
C GLU B 166 -12.12 -23.90 5.59
N VAL B 167 -11.08 -24.57 5.10
CA VAL B 167 -10.25 -25.46 5.91
C VAL B 167 -8.79 -25.07 5.72
N ILE B 168 -8.02 -25.10 6.80
CA ILE B 168 -6.58 -24.90 6.74
C ILE B 168 -5.93 -26.27 6.55
N GLU B 169 -5.16 -26.43 5.48
CA GLU B 169 -4.57 -27.71 5.13
C GLU B 169 -3.49 -27.45 4.10
N GLY B 170 -2.88 -28.54 3.61
CA GLY B 170 -1.89 -28.47 2.56
C GLY B 170 -0.60 -27.76 2.91
N LEU B 171 -0.41 -27.37 4.16
CA LEU B 171 0.79 -26.65 4.59
C LEU B 171 1.80 -27.56 5.29
N GLU B 172 1.82 -28.85 4.91
CA GLU B 172 2.64 -29.82 5.63
C GLU B 172 4.13 -29.54 5.44
N ASN B 173 4.55 -29.29 4.19
CA ASN B 173 5.96 -29.20 3.85
C ASN B 173 6.47 -27.75 3.80
N ASN B 174 5.72 -26.80 4.34
CA ASN B 174 6.12 -25.40 4.32
C ASN B 174 6.58 -24.94 5.70
N ASN B 175 7.68 -25.52 6.18
CA ASN B 175 8.13 -25.27 7.54
C ASN B 175 8.81 -23.92 7.73
N LYS B 176 9.35 -23.32 6.67
CA LYS B 176 10.06 -22.05 6.78
C LYS B 176 9.13 -20.83 6.77
N LEU B 177 7.82 -21.04 6.94
CA LEU B 177 6.89 -19.92 6.91
C LEU B 177 7.11 -19.00 8.10
N THR B 178 7.34 -17.72 7.82
CA THR B 178 7.45 -16.71 8.86
C THR B 178 6.26 -15.77 8.91
N MET B 179 5.59 -15.53 7.78
CA MET B 179 4.40 -14.69 7.72
C MET B 179 3.32 -15.44 6.96
N LEU B 180 2.21 -15.74 7.63
CA LEU B 180 1.10 -16.45 7.04
C LEU B 180 -0.15 -15.59 7.15
N ASP B 181 -0.77 -15.29 6.01
CA ASP B 181 -1.93 -14.41 5.93
C ASP B 181 -3.07 -15.18 5.27
N ILE B 182 -4.02 -15.65 6.08
CA ILE B 182 -5.19 -16.34 5.57
C ILE B 182 -6.44 -15.63 6.08
N ALA B 183 -6.38 -14.31 6.17
CA ALA B 183 -7.50 -13.54 6.69
C ALA B 183 -8.61 -13.43 5.65
N SER B 184 -9.81 -13.10 6.13
CA SER B 184 -10.99 -12.88 5.30
C SER B 184 -11.34 -14.12 4.48
N ASN B 185 -11.58 -15.22 5.19
CA ASN B 185 -12.06 -16.45 4.56
C ASN B 185 -13.29 -16.90 5.36
N ARG B 186 -13.61 -18.19 5.26
CA ARG B 186 -14.71 -18.79 6.00
C ARG B 186 -14.23 -19.98 6.83
N ILE B 187 -13.03 -19.84 7.40
CA ILE B 187 -12.41 -20.91 8.17
C ILE B 187 -13.07 -21.01 9.53
N LYS B 188 -13.42 -22.23 9.94
CA LYS B 188 -14.07 -22.44 11.23
C LYS B 188 -13.12 -22.96 12.31
N LYS B 189 -12.00 -23.58 11.93
CA LYS B 189 -11.08 -24.12 12.93
C LYS B 189 -9.66 -24.02 12.42
N ILE B 190 -8.74 -23.67 13.32
CA ILE B 190 -7.32 -23.63 13.02
C ILE B 190 -6.75 -25.04 13.20
N GLU B 191 -6.25 -25.62 12.11
CA GLU B 191 -5.74 -26.98 12.14
C GLU B 191 -4.43 -27.07 11.35
N ASN B 192 -3.68 -28.13 11.62
CA ASN B 192 -2.56 -28.57 10.79
C ASN B 192 -1.50 -27.49 10.59
N ILE B 193 -1.26 -26.65 11.60
CA ILE B 193 -0.21 -25.65 11.51
C ILE B 193 0.74 -25.74 12.69
N SER B 194 0.68 -26.83 13.46
CA SER B 194 1.55 -26.99 14.61
C SER B 194 3.01 -27.12 14.21
N HIS B 195 3.30 -27.56 12.98
CA HIS B 195 4.67 -27.69 12.49
C HIS B 195 5.27 -26.38 12.02
N LEU B 196 4.50 -25.29 12.02
CA LEU B 196 5.00 -23.98 11.58
C LEU B 196 5.65 -23.30 12.78
N THR B 197 6.92 -23.64 13.01
CA THR B 197 7.65 -23.16 14.17
C THR B 197 8.29 -21.78 13.95
N GLU B 198 8.53 -21.39 12.72
CA GLU B 198 9.17 -20.12 12.40
C GLU B 198 8.16 -19.00 12.13
N LEU B 199 6.90 -19.20 12.47
CA LEU B 199 5.89 -18.18 12.27
C LEU B 199 6.17 -16.95 13.13
N GLN B 200 6.14 -15.78 12.50
CA GLN B 200 6.30 -14.51 13.20
C GLN B 200 5.02 -13.69 13.23
N GLU B 201 4.37 -13.51 12.08
CA GLU B 201 3.10 -12.81 11.98
C GLU B 201 2.06 -13.73 11.37
N PHE B 202 0.82 -13.63 11.86
CA PHE B 202 -0.24 -14.57 11.46
C PHE B 202 -1.57 -13.83 11.49
N TRP B 203 -2.14 -13.60 10.30
CA TRP B 203 -3.39 -12.86 10.15
C TRP B 203 -4.54 -13.83 9.93
N MET B 204 -5.57 -13.75 10.80
CA MET B 204 -6.75 -14.60 10.66
C MET B 204 -8.04 -13.82 10.93
N ASN B 205 -8.05 -12.53 10.67
CA ASN B 205 -9.26 -11.74 10.86
C ASN B 205 -10.32 -12.08 9.82
N ASP B 206 -11.57 -11.75 10.16
CA ASP B 206 -12.73 -11.94 9.28
C ASP B 206 -12.89 -13.40 8.86
N ASN B 207 -12.90 -14.30 9.85
CA ASN B 207 -13.18 -15.70 9.60
C ASN B 207 -14.33 -16.17 10.48
N LEU B 208 -14.41 -17.48 10.74
CA LEU B 208 -15.49 -18.06 11.53
C LEU B 208 -14.94 -18.90 12.68
N LEU B 209 -13.86 -18.42 13.30
CA LEU B 209 -13.24 -19.14 14.40
C LEU B 209 -14.16 -19.17 15.62
N GLU B 210 -14.35 -20.36 16.20
CA GLU B 210 -15.29 -20.54 17.29
C GLU B 210 -14.62 -21.01 18.57
N SER B 211 -13.85 -22.09 18.52
CA SER B 211 -13.31 -22.71 19.73
C SER B 211 -11.99 -22.09 20.12
N TRP B 212 -11.83 -21.84 21.42
CA TRP B 212 -10.56 -21.33 21.93
C TRP B 212 -9.46 -22.39 21.91
N SER B 213 -9.82 -23.67 21.85
CA SER B 213 -8.85 -24.74 21.79
C SER B 213 -8.14 -24.81 20.44
N ASP B 214 -8.53 -23.97 19.48
CA ASP B 214 -7.85 -23.95 18.20
C ASP B 214 -6.47 -23.32 18.32
N LEU B 215 -6.27 -22.44 19.30
CA LEU B 215 -4.98 -21.81 19.56
C LEU B 215 -3.92 -22.80 20.03
N ASP B 216 -4.31 -24.03 20.36
CA ASP B 216 -3.35 -25.03 20.80
C ASP B 216 -2.38 -25.43 19.69
N GLU B 217 -2.76 -25.22 18.43
CA GLU B 217 -1.84 -25.52 17.33
C GLU B 217 -0.70 -24.50 17.25
N LEU B 218 -0.93 -23.28 17.74
CA LEU B 218 0.04 -22.21 17.67
C LEU B 218 0.99 -22.16 18.86
N LYS B 219 0.87 -23.09 19.81
CA LYS B 219 1.71 -23.04 21.01
C LYS B 219 3.18 -23.28 20.70
N GLY B 220 3.49 -23.94 19.58
CA GLY B 220 4.86 -24.23 19.21
C GLY B 220 5.63 -23.08 18.61
N ALA B 221 4.94 -22.02 18.18
CA ALA B 221 5.60 -20.88 17.55
C ALA B 221 6.12 -19.94 18.63
N ARG B 222 7.37 -20.16 19.04
CA ARG B 222 7.97 -19.32 20.07
C ARG B 222 8.42 -17.97 19.54
N SER B 223 8.53 -17.82 18.22
CA SER B 223 8.90 -16.55 17.60
C SER B 223 7.67 -15.78 17.09
N LEU B 224 6.47 -16.25 17.42
CA LEU B 224 5.25 -15.59 16.99
C LEU B 224 5.14 -14.20 17.59
N GLU B 225 5.22 -13.17 16.74
CA GLU B 225 5.26 -11.78 17.20
C GLU B 225 3.96 -11.03 16.99
N THR B 226 3.23 -11.30 15.92
CA THR B 226 2.00 -10.60 15.60
C THR B 226 0.91 -11.60 15.26
N VAL B 227 -0.31 -11.34 15.74
CA VAL B 227 -1.46 -12.20 15.44
C VAL B 227 -2.70 -11.33 15.31
N TYR B 228 -3.48 -11.57 14.25
CA TYR B 228 -4.74 -10.89 14.00
C TYR B 228 -5.87 -11.91 14.09
N LEU B 229 -6.81 -11.68 15.01
CA LEU B 229 -7.97 -12.56 15.17
C LEU B 229 -9.27 -11.78 15.27
N GLU B 230 -9.25 -10.46 15.07
CA GLU B 230 -10.44 -9.65 15.25
C GLU B 230 -11.48 -9.97 14.16
N ARG B 231 -12.70 -9.47 14.39
CA ARG B 231 -13.86 -9.71 13.51
C ARG B 231 -14.17 -11.19 13.35
N ASN B 232 -13.68 -12.02 14.25
CA ASN B 232 -14.09 -13.41 14.37
C ASN B 232 -15.20 -13.55 15.39
N PRO B 233 -15.90 -14.69 15.40
CA PRO B 233 -16.81 -14.97 16.53
C PRO B 233 -16.10 -15.07 17.86
N LEU B 234 -14.76 -15.11 17.87
CA LEU B 234 -14.01 -15.11 19.11
C LEU B 234 -14.13 -13.77 19.84
N GLN B 235 -14.34 -12.68 19.09
CA GLN B 235 -14.41 -11.36 19.72
C GLN B 235 -15.64 -11.19 20.61
N LYS B 236 -16.65 -12.04 20.43
CA LYS B 236 -17.81 -12.00 21.33
C LYS B 236 -17.44 -12.35 22.76
N ASP B 237 -16.34 -13.07 22.97
CA ASP B 237 -15.88 -13.38 24.32
C ASP B 237 -15.37 -12.10 24.99
N PRO B 238 -15.82 -11.78 26.21
CA PRO B 238 -15.37 -10.55 26.85
C PRO B 238 -13.91 -10.60 27.29
N GLN B 239 -13.33 -11.79 27.45
CA GLN B 239 -11.90 -11.94 27.75
C GLN B 239 -11.12 -12.36 26.51
N TYR B 240 -11.52 -11.85 25.34
CA TYR B 240 -10.86 -12.20 24.09
C TYR B 240 -9.37 -11.85 24.13
N ARG B 241 -9.04 -10.63 24.58
CA ARG B 241 -7.65 -10.22 24.65
C ARG B 241 -6.88 -11.03 25.69
N ARG B 242 -7.48 -11.26 26.86
CA ARG B 242 -6.79 -11.99 27.92
C ARG B 242 -6.57 -13.43 27.54
N LYS B 243 -7.54 -14.06 26.88
CA LYS B 243 -7.37 -15.45 26.45
C LYS B 243 -6.27 -15.57 25.39
N VAL B 244 -6.25 -14.65 24.42
CA VAL B 244 -5.20 -14.65 23.41
C VAL B 244 -3.84 -14.37 24.04
N MET B 245 -3.80 -13.43 24.99
CA MET B 245 -2.53 -13.09 25.65
C MET B 245 -1.93 -14.30 26.35
N LEU B 246 -2.73 -15.01 27.15
CA LEU B 246 -2.21 -16.15 27.89
C LEU B 246 -1.93 -17.34 26.98
N ALA B 247 -2.83 -17.62 26.02
CA ALA B 247 -2.63 -18.75 25.14
C ALA B 247 -1.40 -18.55 24.26
N LEU B 248 -1.20 -17.34 23.76
CA LEU B 248 -0.03 -17.06 22.96
C LEU B 248 0.85 -16.05 23.69
N PRO B 249 1.68 -16.50 24.64
CA PRO B 249 2.50 -15.55 25.40
C PRO B 249 3.60 -14.91 24.58
N SER B 250 4.00 -15.53 23.47
CA SER B 250 5.09 -14.99 22.67
C SER B 250 4.68 -13.75 21.88
N VAL B 251 3.40 -13.57 21.60
CA VAL B 251 2.97 -12.45 20.77
C VAL B 251 3.12 -11.15 21.52
N ARG B 252 3.59 -10.12 20.82
CA ARG B 252 3.77 -8.79 21.38
C ARG B 252 2.75 -7.79 20.83
N GLN B 253 1.89 -8.21 19.91
CA GLN B 253 0.94 -7.33 19.25
C GLN B 253 -0.30 -8.13 18.88
N ILE B 254 -1.45 -7.70 19.38
CA ILE B 254 -2.73 -8.36 19.09
C ILE B 254 -3.61 -7.41 18.30
N ASP B 255 -3.96 -7.82 17.08
CA ASP B 255 -4.75 -7.00 16.14
C ASP B 255 -4.00 -5.69 15.93
N ALA B 256 -4.65 -4.53 16.10
CA ALA B 256 -4.00 -3.24 15.96
C ALA B 256 -3.60 -2.67 17.31
N THR B 257 -3.47 -3.52 18.32
CA THR B 257 -3.17 -3.11 19.69
C THR B 257 -1.92 -3.83 20.17
N PHE B 258 -0.99 -3.07 20.75
CA PHE B 258 0.23 -3.61 21.29
C PHE B 258 0.05 -4.07 22.74
N VAL B 259 0.97 -4.92 23.18
CA VAL B 259 1.02 -5.42 24.55
C VAL B 259 2.38 -5.03 25.13
N ARG B 260 2.35 -4.20 26.17
CA ARG B 260 3.59 -3.71 26.78
C ARG B 260 4.21 -4.79 27.67
#